data_4EN9
#
_entry.id   4EN9
#
_cell.length_a   175.977
_cell.length_b   175.977
_cell.length_c   80.636
_cell.angle_alpha   90.00
_cell.angle_beta   90.00
_cell.angle_gamma   120.00
#
_symmetry.space_group_name_H-M   'P 63'
#
loop_
_entity.id
_entity.type
_entity.pdbx_description
1 polymer 'Hemagglutinin components HA-22/23/53'
2 polymer 'Hemagglutinin components HA-22/23/53'
3 branched 'N-acetyl-alpha-neuraminic acid-(2-6)-beta-D-galactopyranose-(1-4)-2-acetamido-2-deoxy-beta-D-glucopyranose'
4 non-polymer (4R)-2-METHYLPENTANE-2,4-DIOL
5 water water
#
loop_
_entity_poly.entity_id
_entity_poly.type
_entity_poly.pdbx_seq_one_letter_code
_entity_poly.pdbx_strand_id
1 'polypeptide(L)'
;ISEFDYKDHDIDYKDDDDKWIMSLSIKELYYTKDKSINNVNLADGNYVVNRGDGWILSRQNQNLGGNISNNGCTAIVGDL
RIRETATPYYYPTASFNEEYIKNNVQNVFANFTEASEIPIGFEFSKTAPSNKSLYMYLQYTYIRYEIIKVLQNTVTERAV
LYVPSLGYVKSIEFNSEEQIDKNFYFTSQDKCILNEKFIYKKIDDTITVKESKNSNNNINFNTS
;
A
2 'polypeptide(L)'
;QTILPYPNGLYVINKGDGYMRTNDKDLIGTLLIESSTSGSIIQPRLRNTTRPLFNTSNPTIFSQEYTEARLNDAFNIQLF
NTSTTLFKFVEEAPTNKNISMKVYNTYEKYELINYQNGNIDDKAEYYLPSLGKCEVSDAPSPQAPVVETPVDQDGFIQTG
PNENIIVGVINPSENIEEISTPIPDDYTYNIPTSIQNNACYVLFKVNTTGVYKITTKNNLPPLIIYEAIGSSNRNMNSNN
LSNDNIKAIKYITGLNRSDAKSYLIVSLFKDKNYYIRIPQISSSTTSQLIFKRELGNISDLADSTVNILDNLNTSGTHYY
TRQSPDVGNYISYQLTIPGDFNNIASSIFSFRTRNNQGIGTLYRLTESINGYNLITINNYSDLLNNVEPISLLNGATYIF
RVKVTELNNYNIIFDAYRNS
;
B
#
# COMPACT_ATOMS: atom_id res chain seq x y z
N SER A 36 22.36 -4.04 -11.58
CA SER A 36 21.79 -4.12 -10.21
C SER A 36 21.71 -5.57 -9.70
N ILE A 37 20.49 -6.05 -9.49
CA ILE A 37 20.25 -7.40 -8.98
C ILE A 37 20.27 -8.40 -10.15
N ASN A 38 20.54 -7.89 -11.35
CA ASN A 38 20.57 -8.74 -12.54
C ASN A 38 21.99 -9.07 -12.98
N ASN A 39 22.98 -8.66 -12.19
CA ASN A 39 24.37 -8.93 -12.53
C ASN A 39 24.88 -10.16 -11.80
N VAL A 40 25.10 -11.23 -12.56
CA VAL A 40 25.58 -12.48 -11.99
C VAL A 40 26.85 -12.98 -12.66
N ASN A 41 27.82 -13.40 -11.86
CA ASN A 41 29.06 -13.92 -12.40
C ASN A 41 28.81 -15.38 -12.77
N LEU A 42 27.98 -15.60 -13.78
CA LEU A 42 27.63 -16.94 -14.22
C LEU A 42 27.73 -17.10 -15.73
N ALA A 43 28.14 -18.29 -16.17
CA ALA A 43 28.25 -18.58 -17.59
C ALA A 43 26.88 -18.42 -18.22
N ASP A 44 26.82 -18.35 -19.54
CA ASP A 44 25.55 -18.19 -20.21
C ASP A 44 24.73 -19.46 -20.16
N GLY A 45 23.43 -19.30 -19.92
CA GLY A 45 22.54 -20.45 -19.84
C GLY A 45 21.37 -20.25 -18.90
N ASN A 46 20.66 -21.35 -18.61
CA ASN A 46 19.53 -21.31 -17.70
C ASN A 46 19.91 -21.95 -16.37
N TYR A 47 19.47 -21.34 -15.28
CA TYR A 47 19.77 -21.83 -13.95
C TYR A 47 18.57 -21.85 -13.03
N VAL A 48 18.58 -22.79 -12.08
CA VAL A 48 17.53 -22.88 -11.09
C VAL A 48 18.25 -22.45 -9.81
N VAL A 49 17.68 -21.48 -9.10
CA VAL A 49 18.31 -20.96 -7.91
C VAL A 49 17.46 -20.99 -6.64
N ASN A 50 18.10 -21.39 -5.55
CA ASN A 50 17.47 -21.45 -4.25
C ASN A 50 17.82 -20.11 -3.61
N ARG A 51 16.84 -19.24 -3.47
CA ARG A 51 17.07 -17.92 -2.88
C ARG A 51 16.97 -17.91 -1.35
N GLY A 52 16.71 -19.09 -0.77
CA GLY A 52 16.63 -19.18 0.68
C GLY A 52 15.24 -19.31 1.30
N ASP A 53 15.22 -19.70 2.57
CA ASP A 53 13.99 -19.87 3.33
C ASP A 53 13.82 -18.55 4.11
N GLY A 54 12.60 -18.28 4.58
CA GLY A 54 12.39 -17.06 5.34
C GLY A 54 11.83 -15.86 4.59
N TRP A 55 11.14 -16.12 3.48
CA TRP A 55 10.57 -15.03 2.71
C TRP A 55 9.12 -14.74 3.09
N ILE A 56 8.82 -13.48 3.38
CA ILE A 56 7.45 -13.07 3.70
C ILE A 56 6.95 -12.28 2.49
N LEU A 57 5.66 -12.40 2.19
CA LEU A 57 5.11 -11.72 1.03
C LEU A 57 4.46 -10.37 1.28
N SER A 58 4.51 -9.55 0.24
CA SER A 58 3.98 -8.19 0.22
C SER A 58 2.54 -8.10 0.69
N ARG A 59 2.36 -7.20 1.66
CA ARG A 59 1.09 -6.84 2.31
C ARG A 59 0.19 -7.95 2.86
N GLN A 60 0.74 -9.15 2.99
CA GLN A 60 -0.04 -10.26 3.54
C GLN A 60 0.14 -10.37 5.05
N ASN A 61 0.88 -9.42 5.61
CA ASN A 61 1.19 -9.36 7.03
C ASN A 61 0.13 -9.86 8.03
N GLN A 62 -1.05 -9.27 8.00
CA GLN A 62 -2.08 -9.61 8.96
C GLN A 62 -3.22 -10.51 8.50
N ASN A 63 -3.00 -11.25 7.42
CA ASN A 63 -4.04 -12.13 6.89
C ASN A 63 -4.55 -13.24 7.82
N LEU A 64 -3.73 -13.68 8.77
CA LEU A 64 -4.13 -14.75 9.68
C LEU A 64 -4.67 -14.23 11.02
N GLY A 65 -4.63 -12.91 11.20
CA GLY A 65 -5.11 -12.34 12.44
C GLY A 65 -4.02 -12.12 13.47
N GLY A 66 -4.35 -11.36 14.52
CA GLY A 66 -3.40 -11.08 15.57
C GLY A 66 -3.92 -11.51 16.92
N ASN A 67 -3.04 -11.51 17.91
CA ASN A 67 -3.33 -11.97 19.26
C ASN A 67 -2.98 -10.91 20.33
N ILE A 68 -3.84 -10.73 21.32
CA ILE A 68 -3.61 -9.73 22.36
C ILE A 68 -3.62 -10.28 23.79
N SER A 69 -2.60 -9.93 24.57
CA SER A 69 -2.51 -10.40 25.96
C SER A 69 -1.92 -9.33 26.86
N ASN A 70 -1.93 -9.57 28.17
CA ASN A 70 -1.37 -8.61 29.10
C ASN A 70 -0.95 -9.18 30.47
N ASN A 71 -0.40 -8.32 31.32
CA ASN A 71 0.01 -8.67 32.67
C ASN A 71 0.69 -10.01 32.94
N GLY A 72 1.76 -10.29 32.20
CA GLY A 72 2.49 -11.54 32.42
C GLY A 72 1.86 -12.83 31.91
N CYS A 73 0.82 -12.71 31.10
CA CYS A 73 0.18 -13.89 30.55
C CYS A 73 1.03 -14.38 29.39
N THR A 74 1.02 -15.68 29.13
CA THR A 74 1.79 -16.21 28.03
C THR A 74 0.82 -16.43 26.89
N ALA A 75 1.16 -15.87 25.73
CA ALA A 75 0.33 -15.99 24.54
C ALA A 75 1.00 -16.96 23.57
N ILE A 76 0.18 -17.79 22.92
CA ILE A 76 0.69 -18.78 21.98
C ILE A 76 -0.10 -18.81 20.69
N VAL A 77 0.59 -18.78 19.56
CA VAL A 77 -0.07 -18.84 18.26
C VAL A 77 0.66 -19.88 17.43
N GLY A 78 -0.10 -20.68 16.69
CA GLY A 78 0.51 -21.72 15.89
C GLY A 78 -0.33 -22.08 14.68
N ASP A 79 0.17 -22.97 13.85
CA ASP A 79 -0.57 -23.35 12.66
C ASP A 79 -0.08 -24.68 12.09
N LEU A 80 -0.84 -25.19 11.12
CA LEU A 80 -0.55 -26.44 10.43
C LEU A 80 -0.59 -26.17 8.93
N ARG A 81 0.56 -26.21 8.26
CA ARG A 81 0.59 -25.92 6.82
C ARG A 81 -0.06 -27.00 5.95
N ILE A 82 -1.18 -27.54 6.39
CA ILE A 82 -1.90 -28.58 5.64
C ILE A 82 -1.93 -28.29 4.13
N ARG A 83 -1.76 -29.34 3.33
CA ARG A 83 -1.75 -29.22 1.86
C ARG A 83 -2.90 -28.40 1.30
N GLU A 84 -4.02 -28.39 2.02
CA GLU A 84 -5.18 -27.65 1.56
C GLU A 84 -5.00 -26.13 1.63
N THR A 85 -4.22 -25.66 2.60
CA THR A 85 -3.98 -24.22 2.76
C THR A 85 -2.69 -23.78 2.09
N ALA A 86 -1.59 -24.40 2.50
CA ALA A 86 -0.27 -24.08 1.93
C ALA A 86 -0.23 -24.24 0.42
N THR A 87 -0.52 -23.15 -0.29
CA THR A 87 -0.50 -23.18 -1.74
C THR A 87 0.64 -22.31 -2.28
N PRO A 88 1.39 -22.83 -3.27
CA PRO A 88 2.52 -22.15 -3.90
C PRO A 88 2.11 -20.97 -4.77
N TYR A 89 3.01 -20.01 -4.90
CA TYR A 89 2.75 -18.83 -5.72
C TYR A 89 3.72 -18.85 -6.90
N TYR A 90 3.18 -19.04 -8.10
CA TYR A 90 4.00 -19.07 -9.32
C TYR A 90 3.99 -17.73 -10.05
N TYR A 91 5.16 -17.34 -10.53
CA TYR A 91 5.33 -16.11 -11.30
C TYR A 91 6.18 -16.52 -12.49
N PRO A 92 5.53 -17.08 -13.52
CA PRO A 92 6.17 -17.55 -14.74
C PRO A 92 6.50 -16.47 -15.76
N THR A 93 7.36 -16.83 -16.70
CA THR A 93 7.79 -15.94 -17.77
C THR A 93 7.61 -16.71 -19.09
N ALA A 94 7.98 -16.09 -20.20
CA ALA A 94 7.84 -16.72 -21.51
C ALA A 94 8.62 -18.02 -21.63
N SER A 95 9.90 -17.99 -21.27
CA SER A 95 10.76 -19.17 -21.35
C SER A 95 10.45 -20.23 -20.30
N PHE A 96 9.99 -19.78 -19.13
CA PHE A 96 9.73 -20.68 -18.03
C PHE A 96 8.28 -20.68 -17.52
N ASN A 97 7.55 -21.74 -17.83
CA ASN A 97 6.16 -21.84 -17.40
C ASN A 97 6.07 -22.59 -16.07
N GLU A 98 4.87 -22.61 -15.49
CA GLU A 98 4.66 -23.26 -14.20
C GLU A 98 5.27 -24.65 -14.10
N GLU A 99 4.98 -25.50 -15.08
CA GLU A 99 5.51 -26.86 -15.09
C GLU A 99 7.04 -26.88 -15.13
N TYR A 100 7.62 -26.08 -16.01
CA TYR A 100 9.08 -26.00 -16.14
C TYR A 100 9.73 -25.62 -14.82
N ILE A 101 9.12 -24.67 -14.12
CA ILE A 101 9.66 -24.19 -12.85
C ILE A 101 9.59 -25.28 -11.77
N LYS A 102 8.44 -25.94 -11.66
CA LYS A 102 8.25 -26.98 -10.68
C LYS A 102 9.22 -28.15 -10.82
N ASN A 103 9.26 -28.74 -12.02
CA ASN A 103 10.11 -29.90 -12.23
C ASN A 103 11.58 -29.60 -12.00
N ASN A 104 12.03 -28.41 -12.40
CA ASN A 104 13.42 -28.06 -12.22
C ASN A 104 13.77 -27.77 -10.78
N VAL A 105 12.78 -27.36 -9.99
CA VAL A 105 13.06 -27.09 -8.59
C VAL A 105 13.02 -28.41 -7.83
N GLN A 106 11.97 -29.20 -8.04
CA GLN A 106 11.82 -30.47 -7.33
C GLN A 106 12.85 -31.50 -7.75
N ASN A 107 13.62 -31.17 -8.78
CA ASN A 107 14.66 -32.07 -9.27
C ASN A 107 15.96 -31.84 -8.52
N VAL A 108 16.28 -30.57 -8.27
CA VAL A 108 17.51 -30.22 -7.57
C VAL A 108 17.30 -30.03 -6.06
N PHE A 109 16.22 -29.35 -5.70
CA PHE A 109 15.91 -29.07 -4.30
C PHE A 109 14.72 -29.88 -3.75
N ALA A 110 14.30 -29.55 -2.53
CA ALA A 110 13.21 -30.27 -1.86
C ALA A 110 11.95 -30.40 -2.70
N ASN A 111 11.43 -31.62 -2.77
CA ASN A 111 10.21 -31.89 -3.53
C ASN A 111 9.01 -31.48 -2.66
N PHE A 112 8.54 -30.25 -2.85
CA PHE A 112 7.42 -29.73 -2.06
C PHE A 112 6.04 -30.33 -2.38
N THR A 113 5.89 -30.92 -3.56
CA THR A 113 4.60 -31.51 -3.87
C THR A 113 4.39 -32.74 -3.01
N GLU A 114 5.44 -33.54 -2.84
CA GLU A 114 5.36 -34.75 -2.03
C GLU A 114 5.17 -34.41 -0.56
N ALA A 115 6.09 -33.58 -0.04
CA ALA A 115 6.07 -33.17 1.35
C ALA A 115 4.74 -32.56 1.83
N SER A 116 4.03 -31.88 0.93
CA SER A 116 2.76 -31.23 1.26
C SER A 116 1.66 -32.18 1.75
N GLU A 117 1.88 -33.48 1.57
CA GLU A 117 0.88 -34.45 1.99
C GLU A 117 0.99 -34.76 3.49
N ILE A 118 2.10 -34.35 4.10
CA ILE A 118 2.33 -34.59 5.52
C ILE A 118 2.25 -33.34 6.37
N PRO A 119 1.16 -33.19 7.14
CA PRO A 119 0.95 -32.03 8.01
C PRO A 119 2.14 -31.76 8.93
N ILE A 120 2.51 -30.49 9.04
CA ILE A 120 3.61 -30.05 9.88
C ILE A 120 3.17 -28.82 10.67
N GLY A 121 3.53 -28.78 11.94
CA GLY A 121 3.14 -27.65 12.76
C GLY A 121 4.30 -26.81 13.28
N PHE A 122 3.96 -25.60 13.72
CA PHE A 122 4.93 -24.69 14.28
C PHE A 122 4.15 -23.73 15.17
N GLU A 123 4.81 -23.22 16.20
CA GLU A 123 4.17 -22.29 17.12
C GLU A 123 5.19 -21.33 17.68
N PHE A 124 4.68 -20.23 18.23
CA PHE A 124 5.50 -19.20 18.85
C PHE A 124 4.79 -18.86 20.16
N SER A 125 5.56 -18.50 21.18
CA SER A 125 4.96 -18.13 22.44
C SER A 125 5.77 -16.98 22.99
N LYS A 126 5.12 -16.11 23.75
CA LYS A 126 5.77 -14.95 24.33
C LYS A 126 5.00 -14.51 25.57
N THR A 127 5.71 -14.00 26.56
CA THR A 127 5.08 -13.54 27.78
C THR A 127 4.84 -12.03 27.75
N ALA A 128 3.60 -11.63 27.99
CA ALA A 128 3.27 -10.21 28.01
C ALA A 128 3.94 -9.52 29.20
N PRO A 129 4.31 -8.25 29.04
CA PRO A 129 4.94 -7.52 30.14
C PRO A 129 4.00 -7.39 31.34
N SER A 130 4.58 -7.25 32.53
CA SER A 130 3.83 -7.15 33.77
C SER A 130 2.68 -6.14 33.79
N ASN A 131 2.93 -4.91 33.36
CA ASN A 131 1.87 -3.92 33.38
C ASN A 131 1.68 -3.21 32.05
N LYS A 132 1.49 -4.00 31.00
CA LYS A 132 1.28 -3.47 29.67
C LYS A 132 0.70 -4.56 28.79
N SER A 133 0.37 -4.23 27.56
CA SER A 133 -0.21 -5.20 26.66
C SER A 133 0.76 -5.63 25.58
N LEU A 134 0.54 -6.85 25.09
CA LEU A 134 1.36 -7.44 24.05
C LEU A 134 0.50 -7.81 22.86
N TYR A 135 0.97 -7.47 21.67
CA TYR A 135 0.27 -7.80 20.44
C TYR A 135 1.22 -8.51 19.49
N MET A 136 0.81 -9.66 19.00
CA MET A 136 1.64 -10.38 18.06
C MET A 136 0.76 -10.94 16.95
N TYR A 137 1.27 -10.93 15.73
CA TYR A 137 0.50 -11.46 14.61
C TYR A 137 1.37 -12.43 13.84
N LEU A 138 0.71 -13.34 13.13
CA LEU A 138 1.40 -14.38 12.39
C LEU A 138 1.24 -14.29 10.88
N GLN A 139 2.26 -14.77 10.16
CA GLN A 139 2.24 -14.81 8.71
C GLN A 139 3.13 -15.95 8.21
N TYR A 140 2.76 -16.51 7.06
CA TYR A 140 3.54 -17.60 6.49
C TYR A 140 4.87 -17.17 5.92
N THR A 141 5.85 -18.07 5.98
CA THR A 141 7.17 -17.79 5.43
C THR A 141 7.27 -18.70 4.21
N TYR A 142 8.23 -18.42 3.33
CA TYR A 142 8.38 -19.21 2.11
C TYR A 142 9.83 -19.43 1.72
N ILE A 143 10.02 -20.32 0.75
CA ILE A 143 11.34 -20.56 0.20
C ILE A 143 11.18 -19.94 -1.16
N ARG A 144 12.11 -19.07 -1.53
CA ARG A 144 12.05 -18.42 -2.83
C ARG A 144 12.96 -19.13 -3.82
N TYR A 145 12.37 -19.63 -4.89
CA TYR A 145 13.15 -20.29 -5.94
C TYR A 145 13.08 -19.41 -7.17
N GLU A 146 14.13 -19.45 -7.98
CA GLU A 146 14.19 -18.64 -9.19
C GLU A 146 14.72 -19.45 -10.36
N ILE A 147 14.18 -19.17 -11.55
CA ILE A 147 14.64 -19.80 -12.78
C ILE A 147 15.16 -18.62 -13.60
N ILE A 148 16.48 -18.51 -13.74
CA ILE A 148 17.04 -17.39 -14.49
C ILE A 148 17.70 -17.74 -15.83
N LYS A 149 17.60 -16.79 -16.76
CA LYS A 149 18.19 -16.91 -18.09
C LYS A 149 19.35 -15.91 -18.07
N VAL A 150 20.57 -16.39 -18.24
CA VAL A 150 21.73 -15.51 -18.22
C VAL A 150 22.35 -15.27 -19.60
N LEU A 151 22.74 -14.02 -19.85
CA LEU A 151 23.35 -13.62 -21.11
C LEU A 151 24.33 -12.51 -20.79
N GLN A 152 25.60 -12.69 -21.14
CA GLN A 152 26.59 -11.67 -20.87
C GLN A 152 26.65 -11.31 -19.38
N ASN A 153 26.69 -12.32 -18.54
CA ASN A 153 26.77 -12.10 -17.09
C ASN A 153 25.66 -11.21 -16.53
N THR A 154 24.48 -11.28 -17.13
CA THR A 154 23.33 -10.51 -16.66
C THR A 154 22.06 -11.33 -16.82
N VAL A 155 21.14 -11.17 -15.86
CA VAL A 155 19.89 -11.89 -15.90
C VAL A 155 18.97 -11.24 -16.93
N THR A 156 18.55 -12.03 -17.91
CA THR A 156 17.68 -11.56 -18.98
C THR A 156 16.23 -11.86 -18.70
N GLU A 157 15.98 -13.00 -18.07
CA GLU A 157 14.62 -13.43 -17.74
C GLU A 157 14.63 -14.02 -16.34
N ARG A 158 13.56 -13.81 -15.58
CA ARG A 158 13.51 -14.35 -14.22
C ARG A 158 12.12 -14.80 -13.80
N ALA A 159 11.97 -16.11 -13.54
CA ALA A 159 10.70 -16.65 -13.08
C ALA A 159 10.86 -16.81 -11.56
N VAL A 160 9.76 -16.71 -10.84
CA VAL A 160 9.83 -16.84 -9.40
C VAL A 160 8.79 -17.78 -8.81
N LEU A 161 9.20 -18.55 -7.82
CA LEU A 161 8.30 -19.48 -7.14
C LEU A 161 8.46 -19.35 -5.63
N TYR A 162 7.33 -19.24 -4.95
CA TYR A 162 7.34 -19.17 -3.49
C TYR A 162 6.68 -20.44 -2.96
N VAL A 163 7.47 -21.28 -2.28
CA VAL A 163 6.95 -22.51 -1.71
C VAL A 163 6.68 -22.31 -0.22
N PRO A 164 5.45 -22.59 0.24
CA PRO A 164 5.12 -22.42 1.66
C PRO A 164 6.09 -23.19 2.54
N SER A 165 6.70 -22.48 3.49
CA SER A 165 7.65 -23.07 4.41
C SER A 165 6.94 -23.21 5.76
N LEU A 166 7.18 -22.26 6.66
CA LEU A 166 6.55 -22.29 7.97
C LEU A 166 5.86 -20.97 8.29
N GLY A 167 6.25 -20.35 9.41
CA GLY A 167 5.65 -19.09 9.81
C GLY A 167 6.56 -18.21 10.64
N TYR A 168 6.14 -16.97 10.85
CA TYR A 168 6.93 -16.00 11.59
C TYR A 168 5.97 -15.07 12.34
N VAL A 169 6.31 -14.71 13.58
CA VAL A 169 5.46 -13.79 14.32
C VAL A 169 6.20 -12.50 14.61
N LYS A 170 5.43 -11.42 14.73
CA LYS A 170 5.98 -10.12 15.05
C LYS A 170 5.19 -9.68 16.26
N SER A 171 5.88 -9.06 17.21
CA SER A 171 5.21 -8.61 18.40
C SER A 171 5.66 -7.20 18.75
N ILE A 172 4.80 -6.52 19.49
CA ILE A 172 5.06 -5.16 19.93
C ILE A 172 4.28 -4.98 21.24
N GLU A 173 4.83 -4.20 22.16
CA GLU A 173 4.14 -3.93 23.41
C GLU A 173 3.36 -2.63 23.20
N PHE A 174 2.22 -2.47 23.86
CA PHE A 174 1.45 -1.26 23.63
C PHE A 174 0.41 -0.93 24.71
N ASN A 175 -0.25 0.20 24.48
CA ASN A 175 -1.34 0.73 25.30
C ASN A 175 -2.19 1.50 24.27
N SER A 176 -3.50 1.52 24.47
CA SER A 176 -4.43 2.18 23.54
C SER A 176 -4.09 3.60 23.09
N GLU A 177 -3.04 4.18 23.66
CA GLU A 177 -2.66 5.54 23.30
C GLU A 177 -1.49 5.53 22.31
N GLU A 178 -0.51 4.67 22.57
CA GLU A 178 0.67 4.56 21.73
C GLU A 178 0.43 4.62 20.23
N GLN A 179 1.38 5.22 19.53
CA GLN A 179 1.31 5.34 18.09
C GLN A 179 2.30 4.29 17.59
N ILE A 180 1.89 3.51 16.60
CA ILE A 180 2.74 2.47 16.08
C ILE A 180 3.21 2.78 14.66
N ASP A 181 4.46 2.45 14.38
CA ASP A 181 5.06 2.65 13.07
C ASP A 181 4.35 1.68 12.13
N LYS A 182 3.83 2.18 11.01
CA LYS A 182 3.11 1.29 10.11
C LYS A 182 3.95 0.22 9.42
N ASN A 183 5.27 0.34 9.49
CA ASN A 183 6.13 -0.67 8.88
C ASN A 183 6.00 -1.95 9.69
N PHE A 184 5.57 -1.80 10.94
CA PHE A 184 5.40 -2.96 11.80
C PHE A 184 4.25 -3.83 11.29
N TYR A 185 3.18 -3.20 10.79
CA TYR A 185 2.01 -3.91 10.29
C TYR A 185 2.03 -4.24 8.80
N PHE A 186 2.87 -3.55 8.04
CA PHE A 186 2.87 -3.71 6.58
C PHE A 186 4.23 -3.94 5.92
N THR A 187 4.26 -4.80 4.92
CA THR A 187 5.47 -5.09 4.18
C THR A 187 5.10 -4.83 2.73
N SER A 188 5.63 -3.76 2.15
CA SER A 188 5.26 -3.44 0.77
C SER A 188 6.00 -4.27 -0.27
N GLN A 189 7.22 -4.70 0.03
CA GLN A 189 7.98 -5.49 -0.93
C GLN A 189 8.45 -6.82 -0.36
N ASP A 190 8.32 -7.89 -1.15
CA ASP A 190 8.76 -9.21 -0.71
C ASP A 190 10.17 -9.09 -0.16
N LYS A 191 10.43 -9.79 0.94
CA LYS A 191 11.76 -9.78 1.53
C LYS A 191 12.03 -11.05 2.34
N CYS A 192 13.28 -11.21 2.75
CA CYS A 192 13.70 -12.38 3.51
C CYS A 192 14.05 -11.97 4.94
N ILE A 193 13.41 -12.60 5.92
CA ILE A 193 13.69 -12.26 7.32
C ILE A 193 15.02 -12.86 7.76
N LEU A 194 15.55 -13.80 6.98
CA LEU A 194 16.85 -14.41 7.25
C LEU A 194 17.77 -13.81 6.19
N ASN A 195 18.99 -14.31 6.08
CA ASN A 195 19.90 -13.80 5.07
C ASN A 195 19.54 -14.47 3.75
N GLU A 196 19.48 -13.67 2.67
CA GLU A 196 19.15 -14.19 1.35
C GLU A 196 20.24 -15.16 0.89
N LYS A 197 19.92 -15.98 -0.09
CA LYS A 197 20.87 -16.95 -0.61
C LYS A 197 20.84 -17.03 -2.13
N PHE A 198 21.90 -17.61 -2.68
CA PHE A 198 22.03 -17.80 -4.12
C PHE A 198 22.75 -19.11 -4.35
N ILE A 199 21.99 -20.21 -4.32
CA ILE A 199 22.53 -21.55 -4.52
C ILE A 199 21.97 -21.99 -5.87
N TYR A 200 22.86 -22.11 -6.85
CA TYR A 200 22.44 -22.45 -8.21
C TYR A 200 22.91 -23.79 -8.79
N LYS A 201 22.31 -24.10 -9.93
CA LYS A 201 22.63 -25.28 -10.70
C LYS A 201 22.14 -25.00 -12.11
N LYS A 202 23.06 -25.09 -13.07
CA LYS A 202 22.75 -24.84 -14.46
C LYS A 202 21.80 -25.92 -14.98
N ILE A 203 20.78 -25.50 -15.71
CA ILE A 203 19.82 -26.43 -16.27
C ILE A 203 20.36 -26.97 -17.59
N ASP A 204 20.13 -28.26 -17.84
CA ASP A 204 20.60 -28.91 -19.06
C ASP A 204 19.44 -29.24 -20.02
N ASP A 205 19.72 -29.11 -21.33
CA ASP A 205 18.72 -29.37 -22.37
C ASP A 205 17.52 -28.45 -22.28
N GLN B 1 -14.05 11.33 10.12
CA GLN B 1 -14.20 12.82 10.09
C GLN B 1 -12.84 13.51 9.98
N THR B 2 -12.04 13.07 9.00
CA THR B 2 -10.71 13.62 8.75
C THR B 2 -10.42 13.62 7.24
N ILE B 3 -9.52 14.48 6.79
CA ILE B 3 -9.20 14.55 5.37
C ILE B 3 -8.43 13.36 4.81
N LEU B 4 -8.95 12.80 3.74
CA LEU B 4 -8.36 11.66 3.07
C LEU B 4 -7.82 12.15 1.71
N PRO B 5 -6.52 12.50 1.67
CA PRO B 5 -5.81 13.00 0.49
C PRO B 5 -5.57 11.98 -0.62
N TYR B 6 -6.64 11.49 -1.22
CA TYR B 6 -6.48 10.50 -2.27
C TYR B 6 -7.45 10.78 -3.43
N PRO B 7 -7.15 10.26 -4.62
CA PRO B 7 -8.02 10.49 -5.77
C PRO B 7 -9.30 9.66 -5.63
N ASN B 8 -10.23 9.84 -6.56
CA ASN B 8 -11.47 9.08 -6.53
C ASN B 8 -11.13 7.61 -6.76
N GLY B 9 -11.97 6.73 -6.22
CA GLY B 9 -11.72 5.31 -6.40
C GLY B 9 -12.07 4.46 -5.20
N LEU B 10 -11.59 3.22 -5.19
CA LEU B 10 -11.83 2.30 -4.11
C LEU B 10 -10.64 2.18 -3.16
N TYR B 11 -10.93 2.02 -1.89
CA TYR B 11 -9.89 1.87 -0.89
C TYR B 11 -10.31 0.85 0.16
N VAL B 12 -9.33 0.12 0.68
CA VAL B 12 -9.55 -0.87 1.73
C VAL B 12 -8.68 -0.39 2.89
N ILE B 13 -9.31 -0.12 4.03
CA ILE B 13 -8.57 0.39 5.18
C ILE B 13 -8.50 -0.61 6.32
N ASN B 14 -7.30 -1.05 6.66
CA ASN B 14 -7.16 -1.96 7.79
C ASN B 14 -7.23 -1.03 8.99
N LYS B 15 -8.33 -1.11 9.71
CA LYS B 15 -8.55 -0.23 10.86
C LYS B 15 -8.06 -0.78 12.18
N GLY B 16 -7.33 -1.89 12.14
CA GLY B 16 -6.81 -2.48 13.36
C GLY B 16 -7.35 -3.83 13.81
N ASP B 17 -6.63 -4.42 14.75
CA ASP B 17 -6.97 -5.72 15.33
C ASP B 17 -7.55 -5.53 16.75
N GLY B 18 -8.10 -6.59 17.31
CA GLY B 18 -8.64 -6.52 18.66
C GLY B 18 -10.05 -5.99 18.78
N TYR B 19 -10.75 -5.92 17.67
CA TYR B 19 -12.12 -5.43 17.70
C TYR B 19 -13.04 -6.52 18.25
N MET B 20 -13.97 -6.11 19.11
CA MET B 20 -14.94 -7.04 19.67
C MET B 20 -16.22 -6.30 20.02
N ARG B 21 -17.33 -7.03 20.09
CA ARG B 21 -18.61 -6.45 20.41
C ARG B 21 -18.76 -6.16 21.90
N THR B 22 -19.73 -5.30 22.22
CA THR B 22 -20.01 -4.91 23.60
C THR B 22 -20.82 -5.98 24.33
N ASN B 23 -21.00 -5.78 25.63
CA ASN B 23 -21.78 -6.70 26.45
C ASN B 23 -21.31 -8.15 26.39
N ASP B 24 -19.99 -8.36 26.39
CA ASP B 24 -19.40 -9.70 26.34
C ASP B 24 -19.92 -10.62 25.22
N LYS B 25 -20.43 -10.05 24.13
CA LYS B 25 -20.95 -10.88 23.05
C LYS B 25 -19.88 -11.74 22.36
N ASP B 26 -18.61 -11.46 22.66
CA ASP B 26 -17.53 -12.24 22.08
C ASP B 26 -16.71 -12.94 23.15
N LEU B 27 -17.24 -12.97 24.39
CA LEU B 27 -16.56 -13.63 25.49
C LEU B 27 -16.58 -15.15 25.30
N ILE B 28 -15.42 -15.77 25.35
CA ILE B 28 -15.33 -17.22 25.20
C ILE B 28 -15.49 -17.85 26.59
N GLY B 29 -14.90 -17.22 27.60
CA GLY B 29 -15.01 -17.74 28.95
C GLY B 29 -14.03 -17.13 29.93
N THR B 30 -14.25 -17.41 31.21
CA THR B 30 -13.40 -16.91 32.27
C THR B 30 -12.92 -18.08 33.12
N LEU B 31 -11.67 -18.04 33.55
CA LEU B 31 -11.12 -19.09 34.40
C LEU B 31 -10.72 -18.47 35.72
N LEU B 32 -11.03 -19.14 36.83
CA LEU B 32 -10.59 -18.66 38.12
C LEU B 32 -9.38 -19.54 38.37
N ILE B 33 -8.21 -18.93 38.42
CA ILE B 33 -6.98 -19.68 38.63
C ILE B 33 -6.46 -19.39 40.04
N GLU B 34 -6.54 -20.40 40.89
CA GLU B 34 -6.10 -20.25 42.27
C GLU B 34 -4.59 -20.25 42.41
N SER B 35 -4.10 -19.62 43.47
CA SER B 35 -2.67 -19.51 43.74
C SER B 35 -1.93 -20.84 43.56
N SER B 36 -0.72 -20.74 43.01
CA SER B 36 0.14 -21.90 42.76
C SER B 36 -0.42 -22.86 41.71
N THR B 37 -1.40 -22.40 40.94
CA THR B 37 -2.00 -23.21 39.90
C THR B 37 -1.88 -22.51 38.55
N SER B 38 -1.98 -23.27 37.47
CA SER B 38 -1.92 -22.68 36.14
C SER B 38 -3.19 -22.96 35.36
N GLY B 39 -3.64 -21.94 34.63
CA GLY B 39 -4.85 -22.05 33.83
C GLY B 39 -4.59 -21.74 32.37
N SER B 40 -5.38 -22.35 31.50
CA SER B 40 -5.22 -22.15 30.08
C SER B 40 -6.52 -22.29 29.28
N ILE B 41 -6.69 -21.41 28.29
CA ILE B 41 -7.85 -21.42 27.40
C ILE B 41 -7.30 -21.59 25.98
N ILE B 42 -7.90 -22.50 25.21
CA ILE B 42 -7.42 -22.80 23.86
C ILE B 42 -8.44 -22.84 22.74
N GLN B 43 -8.01 -22.36 21.57
CA GLN B 43 -8.80 -22.42 20.34
C GLN B 43 -7.93 -23.38 19.51
N PRO B 44 -8.19 -24.69 19.64
CA PRO B 44 -7.48 -25.76 18.96
C PRO B 44 -7.83 -26.00 17.50
N ARG B 45 -8.87 -25.34 17.01
CA ARG B 45 -9.31 -25.53 15.64
C ARG B 45 -9.69 -27.00 15.37
N LEU B 46 -10.45 -27.63 16.26
CA LEU B 46 -10.90 -29.00 16.00
C LEU B 46 -11.90 -28.87 14.84
N ARG B 47 -12.35 -27.64 14.64
CA ARG B 47 -13.26 -27.27 13.56
C ARG B 47 -12.60 -26.01 13.02
N ASN B 48 -12.48 -25.90 11.70
CA ASN B 48 -11.81 -24.73 11.14
C ASN B 48 -12.75 -23.57 10.82
N THR B 49 -14.02 -23.75 11.15
CA THR B 49 -15.03 -22.73 10.89
C THR B 49 -14.90 -21.48 11.76
N THR B 50 -14.95 -20.32 11.11
CA THR B 50 -14.88 -19.02 11.80
C THR B 50 -16.09 -18.23 11.32
N ARG B 51 -16.52 -17.24 12.10
CA ARG B 51 -17.70 -16.46 11.73
C ARG B 51 -17.44 -14.96 11.57
N PRO B 52 -17.19 -14.51 10.33
CA PRO B 52 -16.95 -13.10 10.02
C PRO B 52 -18.18 -12.23 10.28
N LEU B 53 -17.97 -10.94 10.54
CA LEU B 53 -19.08 -10.02 10.75
C LEU B 53 -19.02 -9.02 9.62
N PHE B 54 -20.18 -8.67 9.05
CA PHE B 54 -20.23 -7.77 7.90
C PHE B 54 -21.33 -6.73 7.99
N ASN B 55 -21.02 -5.53 7.54
CA ASN B 55 -21.96 -4.41 7.56
C ASN B 55 -21.70 -3.61 6.29
N THR B 56 -22.76 -3.21 5.58
CA THR B 56 -22.61 -2.46 4.33
C THR B 56 -23.69 -1.41 4.15
N SER B 57 -23.37 -0.33 3.45
CA SER B 57 -24.32 0.75 3.23
C SER B 57 -25.05 0.53 1.91
N ASN B 58 -24.61 -0.47 1.16
CA ASN B 58 -25.18 -0.78 -0.14
C ASN B 58 -25.04 -2.29 -0.36
N PRO B 59 -26.06 -3.07 0.00
CA PRO B 59 -26.09 -4.53 -0.16
C PRO B 59 -26.05 -5.02 -1.59
N THR B 60 -26.67 -4.24 -2.48
CA THR B 60 -26.74 -4.57 -3.90
C THR B 60 -25.38 -4.66 -4.58
N ILE B 61 -24.54 -3.67 -4.38
CA ILE B 61 -23.22 -3.65 -4.99
C ILE B 61 -22.10 -4.04 -4.00
N PHE B 62 -22.04 -3.36 -2.87
CA PHE B 62 -21.04 -3.67 -1.85
C PHE B 62 -21.54 -4.84 -1.00
N SER B 63 -21.72 -5.99 -1.65
CA SER B 63 -22.18 -7.20 -1.00
C SER B 63 -21.01 -7.80 -0.23
N GLN B 64 -21.28 -8.81 0.58
CA GLN B 64 -20.19 -9.42 1.33
C GLN B 64 -19.20 -10.07 0.38
N GLU B 65 -19.73 -10.72 -0.65
CA GLU B 65 -18.88 -11.37 -1.64
C GLU B 65 -18.03 -10.35 -2.36
N TYR B 66 -18.63 -9.22 -2.71
CA TYR B 66 -17.89 -8.16 -3.40
C TYR B 66 -16.78 -7.64 -2.50
N THR B 67 -17.16 -7.27 -1.28
CA THR B 67 -16.21 -6.75 -0.29
C THR B 67 -15.04 -7.72 -0.09
N GLU B 68 -15.34 -9.00 0.01
CA GLU B 68 -14.28 -9.99 0.21
C GLU B 68 -13.30 -9.98 -0.96
N ALA B 69 -13.83 -9.85 -2.17
CA ALA B 69 -12.98 -9.80 -3.36
C ALA B 69 -12.04 -8.56 -3.28
N ARG B 70 -12.56 -7.45 -2.79
CA ARG B 70 -11.75 -6.24 -2.65
C ARG B 70 -10.63 -6.50 -1.63
N LEU B 71 -10.99 -7.08 -0.48
CA LEU B 71 -10.00 -7.40 0.55
C LEU B 71 -8.92 -8.31 -0.04
N ASN B 72 -9.32 -9.14 -1.01
CA ASN B 72 -8.35 -10.02 -1.63
C ASN B 72 -7.41 -9.22 -2.54
N ASP B 73 -7.93 -8.16 -3.16
CA ASP B 73 -7.11 -7.35 -4.04
C ASP B 73 -6.16 -6.48 -3.25
N ALA B 74 -6.64 -6.02 -2.10
CA ALA B 74 -5.83 -5.17 -1.24
C ALA B 74 -4.73 -5.95 -0.52
N PHE B 75 -5.12 -6.89 0.35
CA PHE B 75 -4.12 -7.64 1.12
C PHE B 75 -3.89 -9.08 0.74
N ASN B 76 -4.59 -9.54 -0.30
CA ASN B 76 -4.44 -10.91 -0.76
C ASN B 76 -4.89 -11.94 0.27
N ILE B 77 -5.91 -11.61 1.05
CA ILE B 77 -6.43 -12.52 2.06
C ILE B 77 -7.07 -13.71 1.34
N GLN B 78 -6.72 -14.92 1.77
CA GLN B 78 -7.23 -16.14 1.16
C GLN B 78 -8.47 -16.73 1.85
N LEU B 79 -8.36 -16.96 3.15
CA LEU B 79 -9.45 -17.55 3.92
C LEU B 79 -10.23 -16.53 4.72
N PHE B 80 -11.53 -16.43 4.44
CA PHE B 80 -12.36 -15.47 5.14
C PHE B 80 -13.18 -16.08 6.27
N ASN B 81 -13.68 -17.29 6.07
CA ASN B 81 -14.51 -17.92 7.11
C ASN B 81 -14.00 -19.25 7.64
N THR B 82 -12.70 -19.50 7.47
CA THR B 82 -12.07 -20.70 8.03
C THR B 82 -10.68 -20.32 8.50
N SER B 83 -10.12 -21.15 9.38
CA SER B 83 -8.78 -20.90 9.91
C SER B 83 -8.16 -22.17 10.47
N THR B 84 -6.85 -22.32 10.28
CA THR B 84 -6.13 -23.47 10.83
C THR B 84 -5.15 -22.89 11.83
N THR B 85 -5.30 -21.61 12.11
CA THR B 85 -4.40 -20.94 13.03
C THR B 85 -4.89 -21.04 14.45
N LEU B 86 -4.10 -21.70 15.29
CA LEU B 86 -4.44 -21.89 16.68
C LEU B 86 -3.90 -20.76 17.54
N PHE B 87 -4.64 -20.44 18.60
CA PHE B 87 -4.17 -19.45 19.55
C PHE B 87 -4.50 -20.01 20.93
N LYS B 88 -3.65 -19.73 21.90
CA LYS B 88 -3.85 -20.25 23.23
C LYS B 88 -3.18 -19.35 24.25
N PHE B 89 -3.79 -19.21 25.43
CA PHE B 89 -3.24 -18.37 26.49
C PHE B 89 -2.95 -19.21 27.74
N VAL B 90 -1.86 -18.90 28.42
CA VAL B 90 -1.49 -19.62 29.64
C VAL B 90 -1.04 -18.65 30.71
N GLU B 91 -1.47 -18.88 31.94
CA GLU B 91 -1.14 -18.02 33.07
C GLU B 91 -0.97 -18.81 34.35
N GLU B 92 0.05 -18.47 35.13
CA GLU B 92 0.25 -19.14 36.40
C GLU B 92 -0.02 -18.15 37.54
N ALA B 93 -0.87 -18.55 38.48
CA ALA B 93 -1.18 -17.68 39.62
C ALA B 93 -0.04 -17.69 40.63
N PRO B 94 0.29 -16.52 41.21
CA PRO B 94 1.36 -16.43 42.19
C PRO B 94 0.97 -17.23 43.43
N THR B 95 1.88 -17.37 44.39
CA THR B 95 1.59 -18.14 45.61
C THR B 95 0.67 -17.40 46.57
N ASN B 96 0.58 -16.09 46.42
CA ASN B 96 -0.22 -15.26 47.32
C ASN B 96 -1.65 -14.93 46.90
N LYS B 97 -1.97 -15.03 45.61
CA LYS B 97 -3.33 -14.68 45.18
C LYS B 97 -3.92 -15.52 44.06
N ASN B 98 -5.20 -15.25 43.78
CA ASN B 98 -5.94 -15.91 42.72
C ASN B 98 -5.99 -15.00 41.50
N ILE B 99 -6.00 -15.60 40.32
CA ILE B 99 -6.04 -14.81 39.11
C ILE B 99 -7.28 -15.10 38.28
N SER B 100 -7.78 -14.07 37.62
CA SER B 100 -8.94 -14.18 36.76
C SER B 100 -8.46 -14.09 35.31
N MET B 101 -8.81 -15.07 34.50
CA MET B 101 -8.41 -15.07 33.10
C MET B 101 -9.63 -15.03 32.18
N LYS B 102 -9.83 -13.89 31.53
CA LYS B 102 -10.95 -13.73 30.60
C LYS B 102 -10.41 -13.76 29.18
N VAL B 103 -11.03 -14.56 28.32
CA VAL B 103 -10.60 -14.65 26.95
C VAL B 103 -11.77 -14.38 26.01
N TYR B 104 -11.51 -13.56 24.98
CA TYR B 104 -12.52 -13.17 24.00
C TYR B 104 -12.07 -13.45 22.56
N ASN B 105 -13.03 -13.64 21.67
CA ASN B 105 -12.72 -13.78 20.25
C ASN B 105 -12.53 -12.32 19.81
N THR B 106 -11.80 -12.10 18.72
CA THR B 106 -11.60 -10.73 18.23
C THR B 106 -11.73 -10.70 16.70
N TYR B 107 -11.62 -9.49 16.15
CA TYR B 107 -11.70 -9.30 14.70
C TYR B 107 -10.80 -8.16 14.27
N GLU B 108 -10.36 -8.23 13.02
CA GLU B 108 -9.55 -7.20 12.42
C GLU B 108 -10.58 -6.45 11.59
N LYS B 109 -10.68 -5.13 11.76
CA LYS B 109 -11.67 -4.36 11.01
C LYS B 109 -11.14 -3.79 9.70
N TYR B 110 -11.71 -4.24 8.59
CA TYR B 110 -11.32 -3.76 7.26
C TYR B 110 -12.45 -2.91 6.74
N GLU B 111 -12.13 -1.69 6.32
CA GLU B 111 -13.14 -0.78 5.79
C GLU B 111 -12.98 -0.62 4.27
N LEU B 112 -14.06 -0.87 3.55
CA LEU B 112 -14.07 -0.73 2.09
C LEU B 112 -14.87 0.53 1.77
N ILE B 113 -14.26 1.47 1.06
CA ILE B 113 -14.97 2.71 0.73
C ILE B 113 -14.88 3.09 -0.74
N ASN B 114 -15.95 3.76 -1.19
CA ASN B 114 -16.04 4.28 -2.54
C ASN B 114 -15.87 5.77 -2.28
N TYR B 115 -14.68 6.29 -2.61
CA TYR B 115 -14.33 7.68 -2.37
C TYR B 115 -14.48 8.55 -3.61
N GLN B 116 -15.40 9.52 -3.54
CA GLN B 116 -15.66 10.41 -4.66
C GLN B 116 -15.65 11.90 -4.31
N ASN B 117 -14.70 12.61 -4.90
CA ASN B 117 -14.52 14.06 -4.71
C ASN B 117 -14.48 14.50 -3.26
N GLY B 118 -13.64 13.86 -2.47
CA GLY B 118 -13.51 14.21 -1.06
C GLY B 118 -14.65 13.68 -0.23
N ASN B 119 -15.43 12.77 -0.79
CA ASN B 119 -16.57 12.22 -0.07
C ASN B 119 -16.74 10.71 -0.19
N ILE B 120 -17.26 10.10 0.86
CA ILE B 120 -17.50 8.66 0.89
C ILE B 120 -18.95 8.42 0.48
N ASP B 121 -19.15 7.82 -0.70
CA ASP B 121 -20.50 7.55 -1.20
C ASP B 121 -21.06 6.20 -0.76
N ASP B 122 -20.17 5.25 -0.51
CA ASP B 122 -20.57 3.92 -0.07
C ASP B 122 -19.54 3.39 0.91
N LYS B 123 -19.98 2.55 1.83
CA LYS B 123 -19.06 2.02 2.82
C LYS B 123 -19.46 0.64 3.35
N ALA B 124 -18.48 -0.23 3.51
CA ALA B 124 -18.71 -1.56 4.03
C ALA B 124 -17.64 -1.88 5.09
N GLU B 125 -18.05 -2.53 6.16
CA GLU B 125 -17.13 -2.90 7.21
C GLU B 125 -17.07 -4.40 7.35
N TYR B 126 -15.89 -4.96 7.10
CA TYR B 126 -15.68 -6.39 7.19
C TYR B 126 -14.82 -6.71 8.42
N TYR B 127 -15.38 -7.52 9.31
CA TYR B 127 -14.69 -7.93 10.51
C TYR B 127 -14.15 -9.34 10.35
N LEU B 128 -12.85 -9.42 10.07
CA LEU B 128 -12.16 -10.69 9.87
C LEU B 128 -11.88 -11.35 11.22
N PRO B 129 -12.33 -12.60 11.40
CA PRO B 129 -12.10 -13.31 12.66
C PRO B 129 -10.60 -13.32 12.98
N SER B 130 -10.24 -12.91 14.19
CA SER B 130 -8.82 -12.84 14.56
C SER B 130 -8.38 -13.87 15.60
N LEU B 131 -7.26 -13.61 16.28
CA LEU B 131 -6.74 -14.57 17.24
C LEU B 131 -6.90 -14.27 18.73
N GLY B 132 -8.03 -13.62 19.06
CA GLY B 132 -8.39 -13.35 20.44
C GLY B 132 -7.63 -12.37 21.32
N LYS B 133 -8.21 -12.16 22.50
CA LYS B 133 -7.67 -11.26 23.50
C LYS B 133 -7.78 -11.93 24.85
N CYS B 134 -6.78 -11.72 25.70
CA CYS B 134 -6.80 -12.29 27.04
C CYS B 134 -6.52 -11.23 28.09
N GLU B 135 -7.43 -11.12 29.05
CA GLU B 135 -7.31 -10.17 30.16
C GLU B 135 -7.10 -10.90 31.47
N VAL B 136 -5.94 -10.74 32.10
CA VAL B 136 -5.73 -11.40 33.39
C VAL B 136 -5.64 -10.30 34.44
N SER B 137 -6.18 -10.57 35.62
CA SER B 137 -6.14 -9.60 36.70
C SER B 137 -6.36 -10.32 38.02
N ASP B 138 -6.37 -9.57 39.11
CA ASP B 138 -6.59 -10.19 40.41
C ASP B 138 -8.04 -10.67 40.46
N ALA B 139 -8.23 -11.93 40.84
CA ALA B 139 -9.57 -12.48 40.94
C ALA B 139 -10.41 -11.59 41.84
N PRO B 140 -11.66 -11.30 41.42
CA PRO B 140 -12.56 -10.46 42.21
C PRO B 140 -13.08 -11.24 43.42
N SER B 141 -13.49 -10.54 44.46
CA SER B 141 -14.01 -11.22 45.63
C SER B 141 -15.41 -11.76 45.36
N PRO B 142 -15.67 -13.02 45.70
CA PRO B 142 -16.99 -13.59 45.46
C PRO B 142 -18.03 -12.84 46.28
N GLN B 143 -17.56 -12.10 47.28
CA GLN B 143 -18.42 -11.31 48.16
C GLN B 143 -18.69 -9.90 47.68
N ALA B 144 -17.91 -9.44 46.70
CA ALA B 144 -18.07 -8.11 46.14
C ALA B 144 -19.55 -7.80 45.96
N PRO B 145 -20.01 -6.65 46.51
CA PRO B 145 -21.40 -6.24 46.39
C PRO B 145 -21.83 -6.05 44.93
N VAL B 146 -22.90 -6.74 44.55
CA VAL B 146 -23.41 -6.66 43.18
C VAL B 146 -24.05 -5.31 42.89
N VAL B 147 -23.59 -4.67 41.82
CA VAL B 147 -24.09 -3.36 41.39
C VAL B 147 -24.96 -3.46 40.13
N GLU B 148 -26.21 -3.00 40.21
CA GLU B 148 -27.08 -3.05 39.04
C GLU B 148 -26.44 -2.16 38.00
N THR B 149 -26.26 -2.70 36.79
CA THR B 149 -25.65 -1.93 35.73
C THR B 149 -26.40 -2.11 34.42
N PRO B 150 -26.76 -1.00 33.76
CA PRO B 150 -27.48 -1.12 32.49
C PRO B 150 -26.53 -1.60 31.42
N VAL B 151 -27.05 -2.43 30.52
CA VAL B 151 -26.27 -2.97 29.43
C VAL B 151 -25.70 -1.81 28.60
N ASP B 152 -24.50 -1.99 28.04
CA ASP B 152 -23.89 -0.95 27.23
C ASP B 152 -24.59 -0.88 25.88
N GLN B 153 -24.19 0.10 25.08
CA GLN B 153 -24.77 0.27 23.77
C GLN B 153 -24.24 -0.82 22.82
N ASP B 154 -25.11 -1.30 21.95
CA ASP B 154 -24.77 -2.33 20.97
C ASP B 154 -23.66 -1.82 20.05
N GLY B 155 -22.58 -2.58 19.88
CA GLY B 155 -21.50 -2.12 19.02
C GLY B 155 -20.15 -2.78 19.20
N PHE B 156 -19.11 -2.12 18.69
CA PHE B 156 -17.73 -2.61 18.75
C PHE B 156 -16.82 -1.65 19.51
N ILE B 157 -15.69 -2.18 20.00
CA ILE B 157 -14.69 -1.37 20.67
C ILE B 157 -13.37 -1.95 20.21
N GLN B 158 -12.34 -1.13 20.14
CA GLN B 158 -11.06 -1.64 19.71
C GLN B 158 -10.16 -1.93 20.88
N THR B 159 -9.54 -3.10 20.84
CA THR B 159 -8.68 -3.60 21.89
C THR B 159 -7.21 -3.72 21.48
N GLY B 160 -6.95 -3.78 20.18
CA GLY B 160 -5.58 -3.91 19.73
C GLY B 160 -4.89 -2.57 19.62
N PRO B 161 -3.63 -2.54 19.17
CA PRO B 161 -2.91 -1.26 19.02
C PRO B 161 -3.52 -0.42 17.90
N ASN B 162 -3.33 0.89 17.94
CA ASN B 162 -3.87 1.79 16.93
C ASN B 162 -3.26 1.49 15.56
N GLU B 163 -4.12 1.35 14.56
CA GLU B 163 -3.67 1.05 13.21
C GLU B 163 -4.62 1.60 12.17
N ASN B 164 -4.05 2.18 11.12
CA ASN B 164 -4.86 2.73 10.04
C ASN B 164 -4.05 2.62 8.76
N ILE B 165 -4.22 1.51 8.05
CA ILE B 165 -3.47 1.29 6.82
C ILE B 165 -4.36 1.29 5.59
N ILE B 166 -4.15 2.31 4.77
CA ILE B 166 -4.92 2.53 3.55
C ILE B 166 -4.24 1.88 2.37
N VAL B 167 -5.01 1.15 1.58
CA VAL B 167 -4.50 0.48 0.39
C VAL B 167 -5.55 0.66 -0.69
N GLY B 168 -5.14 1.22 -1.82
CA GLY B 168 -6.08 1.42 -2.91
C GLY B 168 -6.12 0.18 -3.79
N VAL B 169 -7.25 -0.05 -4.45
CA VAL B 169 -7.34 -1.20 -5.33
C VAL B 169 -7.85 -0.74 -6.68
N ILE B 170 -7.45 -1.43 -7.74
CA ILE B 170 -7.92 -1.09 -9.08
C ILE B 170 -9.44 -1.14 -9.04
N ASN B 171 -10.09 -0.15 -9.62
CA ASN B 171 -11.54 -0.13 -9.67
C ASN B 171 -11.86 -1.27 -10.62
N PRO B 172 -12.49 -2.34 -10.12
CA PRO B 172 -12.84 -3.51 -10.94
C PRO B 172 -13.74 -3.26 -12.15
N SER B 173 -14.41 -2.11 -12.20
CA SER B 173 -15.29 -1.81 -13.32
C SER B 173 -14.62 -0.98 -14.44
N GLU B 174 -13.34 -0.66 -14.24
CA GLU B 174 -12.61 0.09 -15.27
C GLU B 174 -11.58 -0.91 -15.78
N ASN B 175 -11.53 -1.07 -17.10
CA ASN B 175 -10.61 -2.04 -17.70
C ASN B 175 -9.15 -1.69 -17.59
N ILE B 176 -8.31 -2.69 -17.76
CA ILE B 176 -6.87 -2.52 -17.69
C ILE B 176 -6.24 -2.77 -19.05
N GLU B 177 -5.43 -1.81 -19.49
CA GLU B 177 -4.73 -1.91 -20.77
C GLU B 177 -3.29 -2.18 -20.39
N GLU B 178 -2.50 -2.74 -21.30
CA GLU B 178 -1.12 -3.04 -21.00
C GLU B 178 -0.16 -2.69 -22.13
N ILE B 179 0.94 -2.02 -21.78
CA ILE B 179 1.96 -1.70 -22.76
C ILE B 179 3.00 -2.77 -22.52
N SER B 180 2.91 -3.82 -23.32
CA SER B 180 3.78 -4.99 -23.26
C SER B 180 5.28 -4.73 -23.22
N THR B 181 5.78 -3.85 -24.06
CA THR B 181 7.22 -3.58 -24.11
C THR B 181 7.67 -2.49 -23.14
N PRO B 182 8.76 -2.75 -22.39
CA PRO B 182 9.25 -1.74 -21.45
C PRO B 182 9.48 -0.48 -22.27
N ILE B 183 8.90 0.64 -21.83
CA ILE B 183 9.05 1.88 -22.58
C ILE B 183 10.46 2.47 -22.54
N PRO B 184 10.95 2.98 -23.68
CA PRO B 184 12.28 3.58 -23.80
C PRO B 184 12.20 5.04 -23.35
N ASP B 185 13.16 5.86 -23.75
CA ASP B 185 13.18 7.27 -23.35
C ASP B 185 12.00 8.08 -23.86
N ASP B 186 11.46 7.69 -25.01
CA ASP B 186 10.31 8.38 -25.60
C ASP B 186 9.29 7.35 -26.05
N TYR B 187 8.03 7.60 -25.73
CA TYR B 187 6.99 6.67 -26.13
C TYR B 187 5.65 7.36 -26.21
N THR B 188 4.88 6.99 -27.23
CA THR B 188 3.55 7.53 -27.44
C THR B 188 2.57 6.37 -27.53
N TYR B 189 1.49 6.47 -26.75
CA TYR B 189 0.48 5.43 -26.69
C TYR B 189 -0.88 5.99 -27.10
N ASN B 190 -1.51 5.36 -28.09
CA ASN B 190 -2.82 5.80 -28.53
C ASN B 190 -3.90 5.20 -27.64
N ILE B 191 -4.68 6.07 -27.03
CA ILE B 191 -5.74 5.64 -26.14
C ILE B 191 -6.92 5.05 -26.93
N PRO B 192 -7.25 3.77 -26.68
CA PRO B 192 -8.33 3.02 -27.32
C PRO B 192 -9.69 3.73 -27.26
N THR B 193 -10.59 3.36 -28.15
CA THR B 193 -11.91 3.98 -28.21
C THR B 193 -12.76 3.70 -26.98
N SER B 194 -12.46 2.61 -26.28
CA SER B 194 -13.21 2.25 -25.08
C SER B 194 -13.17 3.38 -24.06
N ILE B 195 -12.21 4.28 -24.21
CA ILE B 195 -12.04 5.40 -23.30
C ILE B 195 -13.28 6.29 -23.32
N GLN B 196 -14.04 6.21 -24.40
CA GLN B 196 -15.25 6.99 -24.56
C GLN B 196 -16.34 6.45 -23.64
N ASN B 197 -16.18 5.20 -23.22
CA ASN B 197 -17.19 4.56 -22.38
C ASN B 197 -16.90 4.48 -20.89
N ASN B 198 -15.63 4.58 -20.52
CA ASN B 198 -15.24 4.57 -19.12
C ASN B 198 -13.74 4.67 -18.98
N ALA B 199 -13.31 5.11 -17.79
CA ALA B 199 -11.89 5.26 -17.50
C ALA B 199 -11.22 3.91 -17.59
N CYS B 200 -9.91 3.93 -17.83
CA CYS B 200 -9.14 2.71 -17.91
C CYS B 200 -7.79 2.93 -17.24
N TYR B 201 -7.05 1.84 -17.04
CA TYR B 201 -5.74 1.91 -16.43
C TYR B 201 -4.76 1.40 -17.47
N VAL B 202 -3.56 1.98 -17.53
CA VAL B 202 -2.58 1.51 -18.48
C VAL B 202 -1.41 1.01 -17.66
N LEU B 203 -1.15 -0.28 -17.77
CA LEU B 203 -0.07 -0.94 -17.04
C LEU B 203 1.19 -0.91 -17.85
N PHE B 204 2.31 -0.59 -17.21
CA PHE B 204 3.59 -0.52 -17.92
C PHE B 204 4.77 -0.48 -16.97
N LYS B 205 5.98 -0.50 -17.55
CA LYS B 205 7.21 -0.43 -16.80
C LYS B 205 8.22 0.29 -17.71
N VAL B 206 9.21 0.92 -17.11
CA VAL B 206 10.22 1.64 -17.89
C VAL B 206 11.47 0.80 -18.03
N ASN B 207 12.14 0.97 -19.16
CA ASN B 207 13.36 0.25 -19.43
C ASN B 207 14.52 0.84 -18.64
N THR B 208 14.43 2.14 -18.34
CA THR B 208 15.50 2.80 -17.60
C THR B 208 14.99 3.63 -16.43
N THR B 209 15.53 3.36 -15.24
CA THR B 209 15.13 4.10 -14.06
C THR B 209 15.48 5.57 -14.24
N GLY B 210 14.62 6.46 -13.74
CA GLY B 210 14.86 7.88 -13.87
C GLY B 210 13.57 8.66 -13.72
N VAL B 211 13.60 9.96 -14.02
CA VAL B 211 12.42 10.80 -13.92
C VAL B 211 11.74 10.92 -15.28
N TYR B 212 10.42 10.94 -15.28
CA TYR B 212 9.66 11.00 -16.53
C TYR B 212 8.57 12.05 -16.52
N LYS B 213 8.25 12.55 -17.72
CA LYS B 213 7.19 13.52 -17.88
C LYS B 213 6.13 12.69 -18.59
N ILE B 214 4.90 12.70 -18.08
CA ILE B 214 3.82 11.92 -18.66
C ILE B 214 2.63 12.86 -18.85
N THR B 215 2.01 12.82 -20.02
CA THR B 215 0.88 13.71 -20.28
C THR B 215 0.15 13.37 -21.57
N THR B 216 -0.98 14.04 -21.79
CA THR B 216 -1.77 13.90 -23.01
C THR B 216 -1.26 15.04 -23.88
N LYS B 217 -1.44 14.97 -25.20
CA LYS B 217 -0.91 16.02 -26.08
C LYS B 217 -1.41 17.45 -25.85
N ASN B 218 -2.53 17.61 -25.16
CA ASN B 218 -3.06 18.94 -24.88
C ASN B 218 -3.06 19.22 -23.39
N ASN B 219 -2.44 18.32 -22.64
CA ASN B 219 -2.34 18.41 -21.18
C ASN B 219 -3.73 18.25 -20.57
N LEU B 220 -4.59 17.57 -21.32
CA LEU B 220 -5.96 17.32 -20.90
C LEU B 220 -6.41 15.96 -21.45
N PRO B 221 -7.10 15.16 -20.64
CA PRO B 221 -7.52 15.43 -19.26
C PRO B 221 -6.37 15.15 -18.29
N PRO B 222 -6.57 15.42 -17.00
CA PRO B 222 -5.53 15.18 -16.01
C PRO B 222 -5.32 13.68 -15.82
N LEU B 223 -4.07 13.27 -15.61
CA LEU B 223 -3.75 11.86 -15.39
C LEU B 223 -3.47 11.57 -13.91
N ILE B 224 -3.49 10.28 -13.55
CA ILE B 224 -3.18 9.85 -12.19
C ILE B 224 -2.30 8.63 -12.35
N ILE B 225 -1.22 8.54 -11.56
CA ILE B 225 -0.33 7.38 -11.66
C ILE B 225 -0.17 6.64 -10.33
N TYR B 226 -0.18 5.32 -10.42
CA TYR B 226 -0.03 4.45 -9.25
C TYR B 226 1.13 3.49 -9.43
N GLU B 227 1.51 2.90 -8.32
CA GLU B 227 2.56 1.90 -8.27
C GLU B 227 1.84 0.59 -7.92
N ALA B 228 2.25 -0.51 -8.52
CA ALA B 228 1.62 -1.79 -8.22
C ALA B 228 2.37 -2.37 -7.01
N ILE B 229 1.79 -2.20 -5.83
CA ILE B 229 2.40 -2.66 -4.58
C ILE B 229 2.85 -4.12 -4.56
N GLY B 230 4.15 -4.33 -4.40
CA GLY B 230 4.71 -5.67 -4.37
C GLY B 230 5.21 -6.16 -5.71
N SER B 231 5.04 -5.34 -6.74
CA SER B 231 5.44 -5.67 -8.09
C SER B 231 6.94 -5.80 -8.34
N SER B 232 7.75 -5.17 -7.48
CA SER B 232 9.18 -5.23 -7.70
C SER B 232 9.88 -6.53 -7.29
N ASN B 233 10.87 -6.91 -8.09
CA ASN B 233 11.68 -8.10 -7.86
C ASN B 233 10.98 -9.46 -7.97
N ARG B 234 9.94 -9.55 -8.79
CA ARG B 234 9.27 -10.84 -8.99
C ARG B 234 9.66 -11.34 -10.37
N ASN B 235 8.73 -11.88 -11.13
CA ASN B 235 9.08 -12.36 -12.47
C ASN B 235 9.46 -11.16 -13.32
N MET B 236 10.41 -11.38 -14.22
CA MET B 236 10.89 -10.31 -15.09
C MET B 236 11.46 -10.79 -16.42
N ASN B 237 11.23 -9.98 -17.46
CA ASN B 237 11.72 -10.25 -18.80
C ASN B 237 12.14 -8.88 -19.37
N SER B 238 13.34 -8.82 -19.93
CA SER B 238 13.84 -7.57 -20.48
C SER B 238 13.10 -7.06 -21.71
N ASN B 239 12.42 -7.96 -22.42
CA ASN B 239 11.68 -7.58 -23.63
C ASN B 239 10.17 -7.63 -23.44
N ASN B 240 9.71 -7.98 -22.25
CA ASN B 240 8.28 -8.09 -22.02
C ASN B 240 7.90 -7.77 -20.58
N LEU B 241 6.66 -7.31 -20.40
CA LEU B 241 6.16 -6.97 -19.07
C LEU B 241 5.44 -8.17 -18.47
N SER B 242 6.00 -8.71 -17.39
CA SER B 242 5.40 -9.84 -16.70
C SER B 242 4.37 -9.33 -15.70
N ASN B 243 3.12 -9.66 -15.95
CA ASN B 243 2.00 -9.24 -15.09
C ASN B 243 1.83 -10.20 -13.90
N ASP B 244 1.42 -9.65 -12.75
CA ASP B 244 1.21 -10.45 -11.54
C ASP B 244 -0.20 -10.22 -11.03
N ASN B 245 -1.03 -9.63 -11.87
CA ASN B 245 -2.41 -9.32 -11.52
C ASN B 245 -2.54 -8.61 -10.18
N ILE B 246 -1.48 -7.88 -9.80
CA ILE B 246 -1.49 -7.11 -8.57
C ILE B 246 -2.52 -5.99 -8.69
N LYS B 247 -3.61 -6.08 -7.94
CA LYS B 247 -4.66 -5.06 -7.97
C LYS B 247 -4.55 -4.10 -6.81
N ALA B 248 -3.42 -4.14 -6.10
CA ALA B 248 -3.21 -3.26 -4.97
C ALA B 248 -2.36 -2.11 -5.49
N ILE B 249 -2.88 -0.90 -5.38
CA ILE B 249 -2.16 0.25 -5.90
C ILE B 249 -1.87 1.37 -4.93
N LYS B 250 -0.66 1.91 -5.04
CA LYS B 250 -0.19 3.01 -4.20
C LYS B 250 -0.17 4.29 -5.06
N TYR B 251 -1.01 5.24 -4.68
CA TYR B 251 -1.13 6.52 -5.38
C TYR B 251 0.19 7.31 -5.34
N ILE B 252 0.70 7.69 -6.51
CA ILE B 252 1.93 8.48 -6.57
C ILE B 252 1.50 9.96 -6.65
N THR B 253 0.92 10.32 -7.79
CA THR B 253 0.44 11.69 -7.97
C THR B 253 -0.59 11.78 -9.10
N GLY B 254 -1.37 12.85 -9.10
CA GLY B 254 -2.39 13.05 -10.11
C GLY B 254 -3.69 13.62 -9.56
N LEU B 255 -4.50 14.21 -10.44
CA LEU B 255 -5.78 14.82 -10.05
C LEU B 255 -6.96 14.26 -10.82
N ASN B 256 -8.17 14.51 -10.31
CA ASN B 256 -9.39 14.07 -10.97
C ASN B 256 -10.03 15.27 -11.70
N ARG B 257 -9.88 16.45 -11.12
CA ARG B 257 -10.46 17.69 -11.65
C ARG B 257 -10.36 17.85 -13.17
N SER B 258 -11.53 17.91 -13.81
CA SER B 258 -11.66 18.03 -15.26
C SER B 258 -10.85 19.10 -16.00
N ASP B 259 -10.95 20.35 -15.57
CA ASP B 259 -10.23 21.44 -16.24
C ASP B 259 -8.76 21.59 -15.87
N ALA B 260 -8.27 20.76 -14.96
CA ALA B 260 -6.88 20.85 -14.54
C ALA B 260 -5.87 20.49 -15.64
N LYS B 261 -5.58 21.44 -16.50
CA LYS B 261 -4.62 21.21 -17.57
C LYS B 261 -3.28 20.94 -16.89
N SER B 262 -2.62 19.84 -17.25
CA SER B 262 -1.35 19.50 -16.59
C SER B 262 -0.59 18.31 -17.18
N TYR B 263 0.55 18.04 -16.57
CA TYR B 263 1.39 16.90 -16.95
C TYR B 263 2.05 16.44 -15.66
N LEU B 264 2.59 15.23 -15.67
CA LEU B 264 3.20 14.67 -14.46
C LEU B 264 4.70 14.49 -14.55
N ILE B 265 5.36 14.75 -13.44
CA ILE B 265 6.80 14.59 -13.34
C ILE B 265 6.95 13.58 -12.22
N VAL B 266 7.38 12.37 -12.57
CA VAL B 266 7.53 11.32 -11.57
C VAL B 266 8.79 10.49 -11.69
N SER B 267 9.17 9.91 -10.57
CA SER B 267 10.34 9.06 -10.48
C SER B 267 9.88 7.62 -10.71
N LEU B 268 10.44 6.96 -11.72
CA LEU B 268 10.05 5.59 -12.02
C LEU B 268 11.25 4.63 -11.99
N PHE B 269 11.06 3.47 -11.38
CA PHE B 269 12.10 2.45 -11.25
C PHE B 269 11.76 1.27 -12.15
N LYS B 270 12.74 0.84 -12.95
CA LYS B 270 12.49 -0.24 -13.89
C LYS B 270 12.06 -1.59 -13.30
N ASP B 271 12.44 -1.87 -12.06
CA ASP B 271 12.05 -3.14 -11.45
C ASP B 271 10.59 -3.15 -10.95
N LYS B 272 9.88 -2.05 -11.12
CA LYS B 272 8.49 -1.97 -10.67
C LYS B 272 7.50 -1.86 -11.82
N ASN B 273 6.22 -2.01 -11.50
CA ASN B 273 5.15 -1.87 -12.48
C ASN B 273 4.29 -0.68 -12.05
N TYR B 274 3.74 0.04 -13.01
CA TYR B 274 2.92 1.19 -12.71
C TYR B 274 1.61 1.18 -13.49
N TYR B 275 0.66 1.96 -12.99
CA TYR B 275 -0.63 2.08 -13.63
C TYR B 275 -0.93 3.58 -13.79
N ILE B 276 -1.35 3.95 -15.00
CA ILE B 276 -1.75 5.31 -15.24
C ILE B 276 -3.24 5.19 -15.48
N ARG B 277 -4.04 5.97 -14.74
CA ARG B 277 -5.48 5.93 -14.94
C ARG B 277 -5.89 7.12 -15.79
N ILE B 278 -6.46 6.80 -16.95
CA ILE B 278 -6.93 7.81 -17.90
C ILE B 278 -8.43 7.95 -17.69
N PRO B 279 -8.90 9.16 -17.38
CA PRO B 279 -10.34 9.38 -17.18
C PRO B 279 -11.10 9.05 -18.45
N GLN B 280 -12.42 9.02 -18.34
CA GLN B 280 -13.23 8.76 -19.51
C GLN B 280 -13.16 9.99 -20.42
N ILE B 281 -12.88 9.75 -21.70
CA ILE B 281 -12.79 10.82 -22.69
C ILE B 281 -14.02 10.75 -23.60
N SER B 282 -14.96 11.64 -23.36
CA SER B 282 -16.19 11.70 -24.14
C SER B 282 -15.95 12.49 -25.43
N SER B 283 -15.09 11.97 -26.29
CA SER B 283 -14.76 12.61 -27.55
C SER B 283 -14.46 11.54 -28.60
N SER B 284 -14.65 11.90 -29.87
CA SER B 284 -14.41 10.96 -30.95
C SER B 284 -13.00 11.07 -31.52
N THR B 285 -12.28 12.12 -31.11
CA THR B 285 -10.90 12.31 -31.60
C THR B 285 -9.95 11.54 -30.66
N THR B 286 -9.10 10.70 -31.24
CA THR B 286 -8.16 9.90 -30.48
C THR B 286 -7.14 10.70 -29.68
N SER B 287 -6.99 10.35 -28.40
CA SER B 287 -6.04 11.01 -27.52
C SER B 287 -4.78 10.18 -27.44
N GLN B 288 -3.73 10.73 -26.84
CA GLN B 288 -2.49 10.01 -26.72
C GLN B 288 -1.83 10.18 -25.36
N LEU B 289 -1.02 9.20 -25.02
CA LEU B 289 -0.30 9.22 -23.75
C LEU B 289 1.17 9.32 -24.13
N ILE B 290 1.81 10.42 -23.76
CA ILE B 290 3.22 10.60 -24.10
C ILE B 290 4.12 10.47 -22.90
N PHE B 291 5.16 9.65 -23.04
CA PHE B 291 6.16 9.40 -22.00
C PHE B 291 7.51 9.99 -22.45
N LYS B 292 8.17 10.72 -21.55
CA LYS B 292 9.47 11.28 -21.89
C LYS B 292 10.41 11.31 -20.69
N ARG B 293 11.52 10.59 -20.80
CA ARG B 293 12.50 10.55 -19.72
C ARG B 293 13.23 11.88 -19.66
N GLU B 294 13.14 12.57 -18.53
CA GLU B 294 13.77 13.86 -18.35
C GLU B 294 15.13 13.76 -17.66
N LEU B 295 16.15 14.37 -18.27
CA LEU B 295 17.47 14.41 -17.68
C LEU B 295 17.55 15.83 -17.12
N GLY B 296 18.28 16.01 -16.03
CA GLY B 296 18.37 17.35 -15.47
C GLY B 296 17.74 17.48 -14.09
N ASN B 297 17.82 18.68 -13.52
CA ASN B 297 17.27 18.91 -12.19
C ASN B 297 15.76 19.15 -12.20
N ILE B 298 15.10 18.73 -13.28
CA ILE B 298 13.66 18.85 -13.37
C ILE B 298 13.12 17.78 -12.41
N SER B 299 14.03 16.88 -12.04
CA SER B 299 13.74 15.79 -11.10
C SER B 299 13.37 16.38 -9.75
N ASP B 300 13.70 17.66 -9.55
CA ASP B 300 13.40 18.38 -8.33
C ASP B 300 11.89 18.35 -8.08
N LEU B 301 11.12 18.23 -9.14
CA LEU B 301 9.67 18.18 -9.04
C LEU B 301 9.22 16.80 -8.61
N ALA B 302 10.18 16.01 -8.16
CA ALA B 302 10.05 14.64 -7.65
C ALA B 302 8.66 14.16 -7.28
N ASP B 303 7.99 13.52 -8.21
CA ASP B 303 6.64 13.05 -7.98
C ASP B 303 5.66 14.19 -7.69
N SER B 304 5.27 14.87 -8.75
CA SER B 304 4.36 16.00 -8.66
C SER B 304 3.50 16.15 -9.92
N THR B 305 2.36 16.79 -9.74
CA THR B 305 1.48 17.12 -10.86
C THR B 305 1.75 18.60 -11.13
N VAL B 306 2.11 18.94 -12.36
CA VAL B 306 2.39 20.33 -12.69
C VAL B 306 1.19 20.99 -13.37
N ASN B 307 0.48 21.82 -12.61
CA ASN B 307 -0.70 22.52 -13.10
C ASN B 307 -0.34 23.75 -13.92
N ILE B 308 -0.78 23.79 -15.17
CA ILE B 308 -0.51 24.92 -16.04
C ILE B 308 -1.55 26.02 -15.79
N LEU B 309 -1.11 27.16 -15.26
CA LEU B 309 -2.03 28.26 -14.95
C LEU B 309 -2.49 29.06 -16.16
N ASP B 310 -3.79 29.37 -16.17
CA ASP B 310 -4.45 30.11 -17.24
C ASP B 310 -4.94 31.49 -16.78
N ASN B 311 -5.12 32.40 -17.75
CA ASN B 311 -5.61 33.75 -17.48
C ASN B 311 -4.74 34.53 -16.50
N LEU B 312 -3.49 34.75 -16.87
CA LEU B 312 -2.55 35.47 -16.03
C LEU B 312 -2.37 36.92 -16.46
N ASN B 313 -3.06 37.32 -17.53
CA ASN B 313 -2.95 38.67 -18.07
C ASN B 313 -3.95 39.67 -17.47
N THR B 314 -4.09 39.64 -16.15
CA THR B 314 -4.98 40.57 -15.47
C THR B 314 -4.32 40.89 -14.15
N SER B 315 -4.91 41.80 -13.39
CA SER B 315 -4.33 42.20 -12.12
C SER B 315 -5.13 41.60 -10.96
N GLY B 316 -4.50 41.50 -9.80
CA GLY B 316 -5.20 40.95 -8.64
C GLY B 316 -5.04 39.46 -8.42
N THR B 317 -6.01 38.88 -7.72
CA THR B 317 -6.01 37.46 -7.38
C THR B 317 -6.23 36.55 -8.58
N HIS B 318 -5.53 35.41 -8.55
CA HIS B 318 -5.64 34.38 -9.58
C HIS B 318 -5.66 33.04 -8.85
N TYR B 319 -6.86 32.61 -8.46
CA TYR B 319 -7.03 31.37 -7.71
C TYR B 319 -7.09 30.08 -8.54
N TYR B 320 -6.69 28.99 -7.89
CA TYR B 320 -6.68 27.66 -8.51
C TYR B 320 -6.95 26.61 -7.44
N THR B 321 -8.12 25.99 -7.50
CA THR B 321 -8.52 24.96 -6.54
C THR B 321 -8.13 23.58 -7.07
N ARG B 322 -7.34 22.84 -6.28
CA ARG B 322 -6.90 21.51 -6.67
C ARG B 322 -6.92 20.57 -5.46
N GLN B 323 -7.10 19.27 -5.68
CA GLN B 323 -7.11 18.30 -4.59
C GLN B 323 -5.75 18.39 -3.91
N SER B 324 -5.74 18.61 -2.60
CA SER B 324 -4.48 18.75 -1.89
C SER B 324 -3.66 17.49 -1.68
N PRO B 325 -2.34 17.60 -1.90
CA PRO B 325 -1.45 16.45 -1.71
C PRO B 325 -1.42 16.25 -0.20
N ASP B 326 -0.87 15.12 0.24
CA ASP B 326 -0.82 14.85 1.68
C ASP B 326 0.37 15.59 2.30
N VAL B 327 0.37 15.71 3.62
CA VAL B 327 1.48 16.38 4.31
C VAL B 327 2.77 15.73 3.82
N GLY B 328 3.71 16.55 3.39
CA GLY B 328 4.97 16.00 2.92
C GLY B 328 5.06 15.81 1.42
N ASN B 329 3.93 15.80 0.74
CA ASN B 329 3.93 15.64 -0.71
C ASN B 329 3.83 16.96 -1.48
N TYR B 330 4.11 16.89 -2.77
CA TYR B 330 4.09 18.07 -3.64
C TYR B 330 2.86 18.28 -4.52
N ILE B 331 2.82 19.49 -5.08
CA ILE B 331 1.81 19.94 -6.05
C ILE B 331 2.48 21.17 -6.65
N SER B 332 2.65 21.16 -7.97
CA SER B 332 3.33 22.24 -8.68
C SER B 332 2.46 23.05 -9.65
N TYR B 333 2.95 24.22 -10.02
CA TYR B 333 2.22 25.12 -10.93
C TYR B 333 3.17 25.78 -11.92
N GLN B 334 2.85 25.69 -13.19
CA GLN B 334 3.68 26.27 -14.25
C GLN B 334 3.13 27.62 -14.70
N LEU B 335 4.00 28.62 -14.74
CA LEU B 335 3.62 29.98 -15.12
C LEU B 335 4.42 30.61 -16.25
N THR B 336 3.74 30.97 -17.31
CA THR B 336 4.39 31.67 -18.41
C THR B 336 3.88 33.09 -18.20
N ILE B 337 4.79 34.00 -17.89
CA ILE B 337 4.42 35.39 -17.65
C ILE B 337 3.90 36.10 -18.90
N PRO B 338 2.75 36.76 -18.78
CA PRO B 338 2.13 37.49 -19.89
C PRO B 338 3.07 38.59 -20.39
N GLY B 339 3.13 38.74 -21.71
CA GLY B 339 3.99 39.76 -22.29
C GLY B 339 5.08 39.12 -23.13
N ASP B 340 5.84 39.94 -23.84
CA ASP B 340 6.91 39.42 -24.68
C ASP B 340 8.23 39.41 -23.92
N PHE B 341 9.14 38.55 -24.34
CA PHE B 341 10.41 38.46 -23.65
C PHE B 341 11.49 39.40 -24.17
N ASN B 342 12.14 40.06 -23.21
CA ASN B 342 13.22 41.00 -23.44
C ASN B 342 13.75 41.21 -22.02
N ASN B 343 14.64 40.30 -21.62
CA ASN B 343 15.21 40.28 -20.30
C ASN B 343 14.59 41.29 -19.34
N ILE B 344 14.93 42.57 -19.51
CA ILE B 344 14.43 43.63 -18.65
C ILE B 344 12.94 43.65 -18.23
N ALA B 345 12.02 43.65 -19.18
CA ALA B 345 10.58 43.71 -18.84
C ALA B 345 10.12 42.69 -17.79
N SER B 346 9.38 43.15 -16.77
CA SER B 346 8.89 42.28 -15.71
C SER B 346 7.52 42.61 -15.15
N SER B 347 7.05 41.75 -14.24
CA SER B 347 5.75 41.91 -13.59
C SER B 347 5.90 41.42 -12.15
N ILE B 348 5.20 42.07 -11.22
CA ILE B 348 5.26 41.69 -9.81
C ILE B 348 4.18 40.68 -9.42
N PHE B 349 4.62 39.62 -8.75
CA PHE B 349 3.73 38.55 -8.29
C PHE B 349 3.92 38.25 -6.81
N SER B 350 2.88 37.70 -6.18
CA SER B 350 2.89 37.32 -4.77
C SER B 350 2.16 36.00 -4.61
N PHE B 351 2.92 34.94 -4.32
CA PHE B 351 2.37 33.60 -4.18
C PHE B 351 1.84 33.25 -2.79
N ARG B 352 0.64 32.70 -2.76
CA ARG B 352 -0.02 32.28 -1.51
C ARG B 352 -0.91 31.06 -1.72
N THR B 353 -1.37 30.49 -0.61
CA THR B 353 -2.27 29.35 -0.62
C THR B 353 -3.36 29.76 0.36
N ARG B 354 -4.50 29.08 0.35
CA ARG B 354 -5.56 29.49 1.26
C ARG B 354 -6.13 28.48 2.26
N ASN B 355 -6.26 27.22 1.86
CA ASN B 355 -6.79 26.26 2.81
C ASN B 355 -5.68 25.57 3.58
N ASN B 356 -4.71 25.03 2.85
CA ASN B 356 -3.60 24.32 3.46
C ASN B 356 -2.28 25.08 3.47
N GLN B 357 -1.44 24.78 4.47
CA GLN B 357 -0.15 25.42 4.64
C GLN B 357 0.94 24.57 4.01
N GLY B 358 2.03 25.21 3.61
CA GLY B 358 3.14 24.50 3.00
C GLY B 358 4.37 25.34 2.78
N ILE B 359 5.39 24.70 2.19
CA ILE B 359 6.67 25.32 1.89
C ILE B 359 6.78 25.50 0.37
N GLY B 360 7.06 26.73 -0.06
CA GLY B 360 7.17 26.98 -1.49
C GLY B 360 8.57 27.15 -2.04
N THR B 361 8.74 26.74 -3.30
CA THR B 361 10.01 26.86 -4.00
C THR B 361 9.69 27.40 -5.40
N LEU B 362 10.28 28.54 -5.76
CA LEU B 362 10.04 29.15 -7.07
C LEU B 362 11.20 28.85 -8.00
N TYR B 363 10.89 28.26 -9.14
CA TYR B 363 11.92 27.90 -10.12
C TYR B 363 11.76 28.66 -11.43
N ARG B 364 12.89 28.93 -12.06
CA ARG B 364 12.93 29.58 -13.35
C ARG B 364 13.18 28.42 -14.31
N LEU B 365 12.23 28.18 -15.21
CA LEU B 365 12.38 27.09 -16.16
C LEU B 365 13.23 27.55 -17.34
N THR B 366 14.32 26.84 -17.60
CA THR B 366 15.18 27.21 -18.73
C THR B 366 15.33 26.07 -19.72
N GLU B 367 15.93 26.38 -20.86
CA GLU B 367 16.13 25.40 -21.92
C GLU B 367 17.62 25.10 -22.11
N SER B 368 17.90 23.93 -22.68
CA SER B 368 19.25 23.47 -22.95
C SER B 368 19.16 22.36 -23.99
N ILE B 369 20.29 22.02 -24.59
CA ILE B 369 20.31 20.94 -25.59
C ILE B 369 20.49 19.64 -24.80
N ASN B 370 20.42 19.78 -23.48
CA ASN B 370 20.55 18.67 -22.55
C ASN B 370 19.26 18.61 -21.75
N GLY B 371 18.16 18.94 -22.42
CA GLY B 371 16.86 18.95 -21.77
C GLY B 371 16.60 20.24 -21.03
N TYR B 372 15.65 20.20 -20.10
CA TYR B 372 15.32 21.38 -19.31
C TYR B 372 16.26 21.55 -18.13
N ASN B 373 16.04 22.63 -17.38
CA ASN B 373 16.84 22.94 -16.21
C ASN B 373 16.07 23.94 -15.36
N LEU B 374 16.24 23.86 -14.05
CA LEU B 374 15.57 24.76 -13.13
C LEU B 374 16.62 25.58 -12.38
N ILE B 375 16.27 26.84 -12.10
CA ILE B 375 17.15 27.73 -11.36
C ILE B 375 16.28 28.20 -10.22
N THR B 376 16.69 27.89 -8.99
CA THR B 376 15.92 28.29 -7.83
C THR B 376 15.94 29.81 -7.71
N ILE B 377 14.76 30.42 -7.68
CA ILE B 377 14.68 31.87 -7.55
C ILE B 377 14.50 32.29 -6.10
N ASN B 378 13.69 31.53 -5.36
CA ASN B 378 13.44 31.86 -3.96
C ASN B 378 12.68 30.71 -3.29
N ASN B 379 12.64 30.74 -1.96
CA ASN B 379 11.93 29.73 -1.16
C ASN B 379 11.02 30.47 -0.19
N TYR B 380 9.92 29.82 0.21
CA TYR B 380 8.98 30.44 1.13
C TYR B 380 8.65 29.46 2.25
N SER B 381 8.91 29.86 3.49
CA SER B 381 8.64 29.00 4.64
C SER B 381 7.20 29.14 5.15
N ASP B 382 6.45 30.04 4.54
CA ASP B 382 5.06 30.27 4.89
C ASP B 382 4.32 30.74 3.65
N LEU B 383 3.34 29.96 3.20
CA LEU B 383 2.57 30.29 2.01
C LEU B 383 1.18 30.81 2.34
N LEU B 384 0.68 30.44 3.50
CA LEU B 384 -0.64 30.88 3.92
C LEU B 384 -0.63 32.38 4.20
N ASN B 385 0.52 32.88 4.66
CA ASN B 385 0.65 34.30 5.00
C ASN B 385 1.76 35.05 4.27
N ASN B 386 2.23 34.53 3.14
CA ASN B 386 3.30 35.17 2.40
C ASN B 386 2.85 36.52 1.83
N VAL B 387 3.69 37.53 2.02
CA VAL B 387 3.40 38.87 1.51
C VAL B 387 4.55 39.38 0.64
N GLU B 388 5.72 38.78 0.81
CA GLU B 388 6.91 39.12 0.04
C GLU B 388 6.66 38.96 -1.45
N PRO B 389 6.54 40.06 -2.20
CA PRO B 389 6.31 39.96 -3.64
C PRO B 389 7.60 39.62 -4.38
N ILE B 390 7.51 39.45 -5.69
CA ILE B 390 8.68 39.14 -6.50
C ILE B 390 8.40 39.49 -7.96
N SER B 391 9.43 39.97 -8.67
CA SER B 391 9.28 40.35 -10.07
C SER B 391 9.76 39.26 -11.00
N LEU B 392 8.93 38.96 -12.00
CA LEU B 392 9.23 37.91 -12.96
C LEU B 392 9.28 38.45 -14.39
N LEU B 393 10.28 38.00 -15.15
CA LEU B 393 10.43 38.42 -16.52
C LEU B 393 9.21 38.02 -17.35
N ASN B 394 8.71 38.95 -18.15
CA ASN B 394 7.55 38.70 -19.00
C ASN B 394 8.00 37.74 -20.10
N GLY B 395 7.07 36.90 -20.56
CA GLY B 395 7.41 35.94 -21.60
C GLY B 395 8.32 34.83 -21.12
N ALA B 396 8.60 34.80 -19.82
CA ALA B 396 9.45 33.75 -19.26
C ALA B 396 8.56 32.76 -18.53
N THR B 397 9.06 31.56 -18.30
CA THR B 397 8.26 30.54 -17.62
C THR B 397 8.83 30.13 -16.27
N TYR B 398 7.96 30.13 -15.25
CA TYR B 398 8.33 29.76 -13.90
C TYR B 398 7.47 28.60 -13.37
N ILE B 399 8.05 27.80 -12.49
CA ILE B 399 7.33 26.68 -11.88
C ILE B 399 7.43 26.86 -10.37
N PHE B 400 6.28 26.83 -9.72
CA PHE B 400 6.23 26.97 -8.28
C PHE B 400 5.88 25.62 -7.66
N ARG B 401 6.70 25.14 -6.74
CA ARG B 401 6.46 23.86 -6.08
C ARG B 401 5.98 24.05 -4.65
N VAL B 402 4.94 23.32 -4.26
CA VAL B 402 4.41 23.40 -2.90
C VAL B 402 4.53 22.06 -2.18
N LYS B 403 5.10 22.08 -0.99
CA LYS B 403 5.24 20.87 -0.19
C LYS B 403 4.27 21.10 0.95
N VAL B 404 3.17 20.33 0.97
CA VAL B 404 2.17 20.49 2.02
C VAL B 404 2.72 20.19 3.41
N THR B 405 2.45 21.08 4.37
CA THR B 405 2.90 20.90 5.74
C THR B 405 1.72 20.79 6.70
N GLU B 406 0.56 21.25 6.24
CA GLU B 406 -0.64 21.22 7.05
C GLU B 406 -1.87 20.92 6.18
N LEU B 407 -2.53 19.80 6.45
CA LEU B 407 -3.69 19.38 5.67
C LEU B 407 -5.00 19.70 6.38
N ASN B 408 -5.51 20.92 6.20
CA ASN B 408 -6.75 21.36 6.82
C ASN B 408 -7.98 21.09 5.99
N ASN B 409 -7.82 21.04 4.67
CA ASN B 409 -8.95 20.82 3.78
C ASN B 409 -8.62 19.88 2.63
N TYR B 410 -9.65 19.27 2.07
CA TYR B 410 -9.50 18.36 0.95
C TYR B 410 -8.78 19.07 -0.21
N ASN B 411 -9.13 20.33 -0.43
CA ASN B 411 -8.53 21.13 -1.50
C ASN B 411 -7.56 22.18 -1.00
N ILE B 412 -6.51 22.39 -1.77
CA ILE B 412 -5.54 23.44 -1.45
C ILE B 412 -5.73 24.49 -2.56
N ILE B 413 -5.85 25.75 -2.17
CA ILE B 413 -6.04 26.81 -3.15
C ILE B 413 -4.74 27.59 -3.37
N PHE B 414 -4.35 27.73 -4.62
CA PHE B 414 -3.14 28.46 -4.95
C PHE B 414 -3.51 29.83 -5.51
N ASP B 415 -2.79 30.86 -5.10
CA ASP B 415 -3.08 32.20 -5.56
C ASP B 415 -1.85 32.90 -6.14
N ALA B 416 -1.90 33.15 -7.44
CA ALA B 416 -0.82 33.84 -8.13
C ALA B 416 -1.24 35.31 -8.27
N TYR B 417 -1.07 36.06 -7.19
CA TYR B 417 -1.43 37.47 -7.13
C TYR B 417 -0.51 38.33 -7.99
N ARG B 418 -1.09 39.05 -8.95
CA ARG B 418 -0.31 39.90 -9.83
C ARG B 418 -0.39 41.36 -9.41
N ASN B 419 0.66 41.85 -8.73
CA ASN B 419 0.69 43.23 -8.27
C ASN B 419 0.90 44.20 -9.44
N SER B 420 1.54 43.69 -10.50
CA SER B 420 1.80 44.49 -11.70
C SER B 420 2.40 43.63 -12.81
#